data_7P8E
#
_entry.id   7P8E
#
_cell.length_a   60.189
_cell.length_b   60.189
_cell.length_c   80.410
_cell.angle_alpha   90.00
_cell.angle_beta   90.00
_cell.angle_gamma   120.00
#
_symmetry.space_group_name_H-M   'P 31 2 1'
#
loop_
_entity.id
_entity.type
_entity.pdbx_description
1 polymer 'Receiver domain of histidine kinase'
2 non-polymer 'CALCIUM ION'
3 water water
#
_entity_poly.entity_id   1
_entity_poly.type   'polypeptide(L)'
_entity_poly.pdbx_seq_one_letter_code
;MILYGAGNHIVKVEDDFHEMQELKVRAEAADVAKSQFLATVSHEIRTPMNGILGMLGLLLRTELNSTQRDYAQTAQACGK
ALIALINEVLDRAKIEAGKLELEAVPFDLRSILDDVLSLFSEKSRHKGLELAVFVSDKVPDIVMGDPGRFRQIVTNLVGN
SVKFTERGHIFVKVHLSENRKPVTNGKHETYRNGGSEEVVHASGGYNLKTLSGYEAADERNNWDNFNHLIADEEFFCDAS
TKKVASNEFYEQVTLMVCVEDTGIGIPFSAQDRIFMPFVQADSSTSRNYGGTGIGLSISKCLVELMGGQINFISRPQVGS
TFSFTADFGIFKKNPITEVKKVNYEDLPSSFRGLKAVVVDGKPVRAAVTRYHLKRLGIQVKVANAINKAVSLCGKNGASS
TGLFQPDIIFVEKDSWVCGEDGIFSVRQLDWKQNGHIFKMPQMILLATNISNDEFDKAKSAGFSDTVIMKPLRASMVGAC
LQQVLGTGKKRQLGKEMPNGSTSVRSLLFGKKILVVDDNVVNRRVAAGALKNFGADVKCADSGKAALEMLQFPHKFDACF
MDIQMPEMDGFEATRRIREMERTANEETNSECGERKSEFHLPILAMTADVIHATYEECLKCGMDGYVSKPFEEENLYQAV
AKFF
;
_entity_poly.pdbx_strand_id   A
#
loop_
_chem_comp.id
_chem_comp.type
_chem_comp.name
_chem_comp.formula
CA non-polymer 'CALCIUM ION' 'Ca 2'
#
# COMPACT_ATOMS: atom_id res chain seq x y z
N SER A 506 -17.11 -5.56 -4.18
CA SER A 506 -18.06 -5.89 -5.25
C SER A 506 -17.35 -5.93 -6.59
N LEU A 507 -16.91 -4.74 -7.01
CA LEU A 507 -16.26 -4.63 -8.32
C LEU A 507 -14.92 -5.34 -8.35
N LEU A 508 -14.20 -5.35 -7.23
CA LEU A 508 -12.97 -6.10 -7.16
C LEU A 508 -13.16 -7.52 -6.60
N PHE A 509 -14.42 -7.96 -6.44
CA PHE A 509 -14.68 -9.36 -6.12
C PHE A 509 -14.03 -10.27 -7.16
N GLY A 510 -13.39 -11.33 -6.69
CA GLY A 510 -12.84 -12.34 -7.57
C GLY A 510 -11.43 -12.09 -8.03
N LYS A 511 -10.90 -10.90 -7.81
CA LYS A 511 -9.57 -10.57 -8.31
C LYS A 511 -8.51 -10.98 -7.30
N LYS A 512 -7.26 -11.06 -7.78
CA LYS A 512 -6.14 -11.57 -7.02
C LYS A 512 -5.18 -10.39 -6.80
N ILE A 513 -5.17 -9.85 -5.60
CA ILE A 513 -4.21 -8.82 -5.24
C ILE A 513 -2.97 -9.44 -4.62
N LEU A 514 -1.85 -8.72 -4.67
CA LEU A 514 -0.62 -9.08 -3.98
C LEU A 514 -0.26 -7.93 -3.05
N VAL A 515 -0.11 -8.22 -1.75
CA VAL A 515 0.09 -7.18 -0.75
C VAL A 515 1.50 -7.28 -0.20
N VAL A 516 2.34 -6.27 -0.47
CA VAL A 516 3.75 -6.31 -0.12
C VAL A 516 4.00 -5.34 1.04
N ASP A 517 4.39 -5.85 2.20
CA ASP A 517 4.79 -4.99 3.30
C ASP A 517 5.71 -5.76 4.24
N ASP A 518 6.63 -5.04 4.89
CA ASP A 518 7.55 -5.65 5.84
C ASP A 518 6.94 -5.81 7.22
N ASN A 519 5.74 -5.27 7.43
CA ASN A 519 5.12 -5.16 8.74
C ASN A 519 3.89 -6.07 8.79
N VAL A 520 3.91 -7.06 9.68
CA VAL A 520 2.87 -8.08 9.70
C VAL A 520 1.50 -7.46 9.96
N VAL A 521 1.43 -6.49 10.87
CA VAL A 521 0.14 -5.87 11.18
C VAL A 521 -0.39 -5.12 9.98
N ASN A 522 0.51 -4.47 9.23
CA ASN A 522 0.10 -3.74 8.04
C ASN A 522 -0.49 -4.69 7.00
N ARG A 523 0.28 -5.72 6.61
CA ARG A 523 -0.26 -6.82 5.83
C ARG A 523 -1.66 -7.28 6.32
N ARG A 524 -1.79 -7.62 7.62
CA ARG A 524 -3.06 -8.17 8.15
C ARG A 524 -4.23 -7.24 7.90
N VAL A 525 -4.03 -5.94 8.14
CA VAL A 525 -5.09 -4.95 7.93
C VAL A 525 -5.51 -4.92 6.46
N ALA A 526 -4.57 -4.57 5.57
CA ALA A 526 -4.86 -4.45 4.14
C ALA A 526 -5.45 -5.74 3.58
N ALA A 527 -4.92 -6.89 3.98
CA ALA A 527 -5.40 -8.13 3.38
C ALA A 527 -6.79 -8.48 3.89
N GLY A 528 -7.09 -8.15 5.13
CA GLY A 528 -8.44 -8.34 5.63
C GLY A 528 -9.44 -7.40 5.00
N ALA A 529 -9.03 -6.16 4.67
CA ALA A 529 -9.92 -5.24 3.96
C ALA A 529 -10.23 -5.76 2.56
N LEU A 530 -9.20 -6.16 1.81
CA LEU A 530 -9.43 -6.68 0.47
C LEU A 530 -10.14 -8.03 0.53
N LYS A 531 -9.90 -8.83 1.57
CA LYS A 531 -10.60 -10.10 1.68
C LYS A 531 -12.08 -9.85 1.86
N ASN A 532 -12.43 -8.79 2.59
CA ASN A 532 -13.82 -8.39 2.78
C ASN A 532 -14.49 -8.14 1.43
N PHE A 533 -13.82 -7.38 0.56
CA PHE A 533 -14.36 -6.98 -0.72
C PHE A 533 -14.37 -8.12 -1.75
N GLY A 534 -14.16 -9.35 -1.35
CA GLY A 534 -14.18 -10.45 -2.28
C GLY A 534 -12.85 -10.73 -2.97
N ALA A 535 -11.90 -9.82 -2.89
CA ALA A 535 -10.60 -10.16 -3.44
C ALA A 535 -10.05 -11.33 -2.66
N ASP A 536 -9.30 -12.18 -3.35
CA ASP A 536 -8.44 -13.14 -2.68
C ASP A 536 -7.00 -12.62 -2.77
N VAL A 537 -6.28 -12.73 -1.67
CA VAL A 537 -5.07 -11.97 -1.41
C VAL A 537 -3.89 -12.90 -1.16
N LYS A 538 -2.74 -12.58 -1.75
CA LYS A 538 -1.48 -13.19 -1.39
C LYS A 538 -0.57 -12.09 -0.87
N CYS A 539 0.13 -12.36 0.23
CA CYS A 539 1.04 -11.38 0.81
C CYS A 539 2.48 -11.65 0.39
N ALA A 540 3.36 -10.76 0.85
CA ALA A 540 4.80 -10.89 0.67
C ALA A 540 5.46 -9.88 1.60
N ASP A 541 6.51 -10.33 2.31
CA ASP A 541 7.16 -9.58 3.38
C ASP A 541 8.32 -8.72 2.88
N SER A 542 8.45 -8.53 1.58
CA SER A 542 9.72 -8.10 1.07
C SER A 542 9.57 -7.75 -0.40
N GLY A 543 10.42 -6.83 -0.88
CA GLY A 543 10.54 -6.64 -2.31
C GLY A 543 11.09 -7.86 -3.02
N LYS A 544 12.14 -8.48 -2.45
CA LYS A 544 12.71 -9.66 -3.09
C LYS A 544 11.64 -10.72 -3.33
N ALA A 545 10.71 -10.87 -2.38
CA ALA A 545 9.72 -11.94 -2.49
C ALA A 545 8.58 -11.54 -3.40
N ALA A 546 8.28 -10.26 -3.48
CA ALA A 546 7.28 -9.79 -4.43
C ALA A 546 7.74 -10.01 -5.86
N LEU A 547 9.04 -9.87 -6.13
CA LEU A 547 9.54 -10.15 -7.47
C LEU A 547 9.54 -11.64 -7.77
N GLU A 548 9.86 -12.49 -6.76
CA GLU A 548 9.77 -13.93 -6.98
C GLU A 548 8.36 -14.33 -7.38
N MET A 549 7.35 -13.70 -6.76
CA MET A 549 5.96 -14.09 -6.99
C MET A 549 5.38 -13.46 -8.22
N LEU A 550 6.12 -12.58 -8.88
CA LEU A 550 5.64 -11.81 -10.02
C LEU A 550 6.33 -12.22 -11.30
N GLN A 551 6.68 -13.48 -11.39
CA GLN A 551 7.40 -13.99 -12.54
C GLN A 551 6.68 -14.13 -13.82
N PHE A 552 7.39 -14.66 -14.82
CA PHE A 552 6.94 -14.67 -16.22
C PHE A 552 5.47 -14.95 -16.42
N PRO A 553 4.84 -15.95 -15.78
CA PRO A 553 3.38 -16.09 -15.88
C PRO A 553 2.71 -16.13 -14.51
N HIS A 554 2.16 -15.01 -14.00
CA HIS A 554 1.85 -15.01 -12.57
C HIS A 554 0.38 -14.93 -12.19
N LYS A 555 -0.47 -14.22 -12.96
CA LYS A 555 -1.93 -14.15 -12.77
C LYS A 555 -2.43 -13.23 -11.64
N PHE A 556 -1.68 -12.19 -11.29
CA PHE A 556 -2.12 -11.17 -10.33
C PHE A 556 -2.81 -10.05 -11.08
N ASP A 557 -3.84 -9.46 -10.45
CA ASP A 557 -4.64 -8.40 -11.05
C ASP A 557 -4.36 -7.02 -10.48
N ALA A 558 -3.62 -6.91 -9.37
CA ALA A 558 -3.21 -5.62 -8.84
C ALA A 558 -2.23 -5.90 -7.72
N CYS A 559 -1.58 -4.85 -7.24
CA CYS A 559 -0.54 -5.03 -6.22
C CYS A 559 -0.40 -3.80 -5.33
N PHE A 560 -0.49 -3.98 -4.02
CA PHE A 560 -0.40 -2.88 -3.07
C PHE A 560 0.97 -2.93 -2.44
N MET A 561 1.82 -1.95 -2.75
CA MET A 561 3.26 -2.02 -2.52
C MET A 561 3.69 -0.99 -1.49
N ASP A 562 4.21 -1.45 -0.37
CA ASP A 562 4.66 -0.52 0.65
C ASP A 562 5.94 0.17 0.19
N ILE A 563 5.98 1.50 0.32
CA ILE A 563 7.15 2.21 -0.17
C ILE A 563 8.34 2.21 0.78
N GLN A 564 8.18 1.79 2.01
CA GLN A 564 9.29 1.86 2.96
C GLN A 564 9.57 0.46 3.52
N MET A 565 10.57 -0.18 2.96
CA MET A 565 11.02 -1.47 3.42
C MET A 565 12.53 -1.44 3.52
N PRO A 566 13.10 -2.17 4.47
CA PRO A 566 14.55 -2.25 4.56
C PRO A 566 15.08 -3.11 3.41
N GLU A 567 16.32 -2.81 3.01
CA GLU A 567 17.07 -3.51 1.95
C GLU A 567 16.64 -3.12 0.55
N MET A 568 15.34 -3.19 0.27
CA MET A 568 14.80 -2.82 -1.04
C MET A 568 13.42 -2.24 -0.83
N ASP A 569 13.25 -0.95 -1.12
CA ASP A 569 12.02 -0.25 -0.86
C ASP A 569 11.05 -0.39 -2.04
N GLY A 570 9.78 -0.06 -1.80
CA GLY A 570 8.76 -0.25 -2.80
C GLY A 570 9.04 0.48 -4.11
N PHE A 571 9.79 1.57 -4.05
CA PHE A 571 10.10 2.26 -5.29
C PHE A 571 11.03 1.44 -6.17
N GLU A 572 12.04 0.79 -5.59
CA GLU A 572 12.94 -0.03 -6.41
C GLU A 572 12.22 -1.26 -6.91
N ALA A 573 11.53 -1.95 -6.01
CA ALA A 573 10.84 -3.17 -6.39
C ALA A 573 9.79 -2.88 -7.46
N THR A 574 9.37 -1.63 -7.61
CA THR A 574 8.50 -1.28 -8.73
C THR A 574 9.28 -1.03 -10.01
N ARG A 575 10.39 -0.28 -9.93
CA ARG A 575 11.26 -0.16 -11.08
C ARG A 575 11.64 -1.54 -11.59
N ARG A 576 11.80 -2.50 -10.68
CA ARG A 576 12.17 -3.84 -11.12
C ARG A 576 10.98 -4.53 -11.80
N ILE A 577 9.81 -4.49 -11.16
CA ILE A 577 8.61 -5.07 -11.75
C ILE A 577 8.36 -4.50 -13.14
N ARG A 578 8.58 -3.20 -13.34
CA ARG A 578 8.34 -2.63 -14.65
C ARG A 578 9.37 -3.12 -15.66
N GLU A 579 10.63 -3.25 -15.24
CA GLU A 579 11.64 -3.77 -16.15
C GLU A 579 11.45 -5.26 -16.37
N MET A 580 11.01 -5.98 -15.34
CA MET A 580 10.61 -7.37 -15.53
C MET A 580 9.56 -7.45 -16.64
N GLU A 581 8.56 -6.57 -16.58
CA GLU A 581 7.48 -6.63 -17.57
C GLU A 581 7.97 -6.27 -18.96
N ARG A 582 8.87 -5.28 -19.09
CA ARG A 582 9.31 -4.88 -20.42
C ARG A 582 10.16 -5.98 -21.07
N THR A 583 11.14 -6.49 -20.34
CA THR A 583 11.93 -7.62 -20.84
C THR A 583 11.09 -8.85 -21.11
N ALA A 584 9.81 -8.84 -20.75
CA ALA A 584 8.88 -9.92 -21.06
C ALA A 584 7.87 -9.49 -22.12
N ASN A 585 8.33 -8.69 -23.03
CA ASN A 585 7.43 -8.19 -24.02
C ASN A 585 8.10 -8.02 -25.38
N PHE A 599 0.60 -6.21 -20.99
CA PHE A 599 -0.08 -6.27 -19.71
C PHE A 599 0.63 -5.41 -18.67
N HIS A 600 -0.16 -4.59 -18.00
CA HIS A 600 0.30 -3.64 -17.00
C HIS A 600 -0.27 -4.04 -15.66
N LEU A 601 0.59 -4.53 -14.78
CA LEU A 601 0.10 -4.87 -13.45
C LEU A 601 -0.14 -3.58 -12.70
N PRO A 602 -1.38 -3.19 -12.41
CA PRO A 602 -1.59 -1.98 -11.63
C PRO A 602 -0.95 -2.11 -10.25
N ILE A 603 -0.11 -1.14 -9.91
CA ILE A 603 0.67 -1.15 -8.68
C ILE A 603 0.34 0.11 -7.91
N LEU A 604 -0.25 -0.04 -6.74
CA LEU A 604 -0.65 1.08 -5.91
C LEU A 604 0.22 1.16 -4.67
N ALA A 605 0.69 2.35 -4.33
CA ALA A 605 1.58 2.54 -3.21
C ALA A 605 0.84 2.67 -1.89
N MET A 606 1.36 2.03 -0.83
CA MET A 606 0.85 2.19 0.54
C MET A 606 1.80 3.10 1.32
N THR A 607 1.37 4.35 1.57
CA THR A 607 2.26 5.40 2.10
C THR A 607 2.14 5.58 3.63
N ALA A 608 1.58 4.62 4.34
CA ALA A 608 1.34 4.82 5.77
C ALA A 608 2.63 5.01 6.55
N ASP A 609 3.75 4.48 6.05
CA ASP A 609 5.02 4.72 6.72
C ASP A 609 5.37 6.22 6.73
N VAL A 610 5.26 6.89 5.57
CA VAL A 610 5.54 8.32 5.47
C VAL A 610 4.52 9.13 6.25
N ILE A 611 3.26 8.71 6.19
CA ILE A 611 2.21 9.51 6.84
C ILE A 611 2.41 9.45 8.34
N HIS A 612 2.72 8.28 8.86
CA HIS A 612 2.88 8.19 10.29
C HIS A 612 4.05 9.04 10.73
N ALA A 613 5.09 9.11 9.92
CA ALA A 613 6.27 9.88 10.31
C ALA A 613 5.99 11.36 10.33
N THR A 614 5.30 11.90 9.32
CA THR A 614 5.00 13.33 9.41
C THR A 614 4.02 13.58 10.56
N TYR A 615 3.19 12.59 10.89
CA TYR A 615 2.23 12.78 11.96
C TYR A 615 2.92 12.95 13.30
N GLU A 616 3.90 12.10 13.59
CA GLU A 616 4.67 12.30 14.80
C GLU A 616 5.34 13.62 14.75
N GLU A 617 5.77 14.02 13.58
CA GLU A 617 6.54 15.26 13.49
C GLU A 617 5.63 16.43 13.82
N CYS A 618 4.34 16.32 13.47
CA CYS A 618 3.31 17.30 13.81
C CYS A 618 3.09 17.38 15.30
N LEU A 619 2.65 16.26 15.89
CA LEU A 619 2.37 16.22 17.30
C LEU A 619 3.55 16.70 18.12
N LYS A 620 4.77 16.49 17.64
CA LYS A 620 5.93 16.67 18.49
C LYS A 620 6.23 18.15 18.70
N CYS A 621 5.84 18.99 17.75
CA CYS A 621 5.86 20.44 17.93
C CYS A 621 4.51 20.98 18.40
N GLY A 622 3.73 20.17 19.09
CA GLY A 622 2.51 20.65 19.70
C GLY A 622 1.40 21.05 18.75
N MET A 623 1.19 20.28 17.70
CA MET A 623 -0.04 20.36 16.94
C MET A 623 -1.01 19.32 17.48
N ASP A 624 -2.28 19.65 17.45
CA ASP A 624 -3.29 18.75 17.98
C ASP A 624 -3.74 17.70 16.96
N GLY A 625 -3.06 17.54 15.85
CA GLY A 625 -3.40 16.50 14.91
C GLY A 625 -3.10 16.95 13.49
N TYR A 626 -3.63 16.19 12.53
CA TYR A 626 -3.45 16.51 11.12
C TYR A 626 -4.73 16.25 10.37
N VAL A 627 -4.83 16.81 9.18
CA VAL A 627 -6.01 16.70 8.32
C VAL A 627 -5.73 15.68 7.24
N SER A 628 -6.32 14.50 7.37
CA SER A 628 -6.24 13.47 6.35
C SER A 628 -7.03 13.91 5.12
N LYS A 629 -6.53 13.50 3.93
CA LYS A 629 -7.11 13.87 2.63
C LYS A 629 -7.30 15.38 2.55
N PRO A 630 -6.21 16.17 2.52
CA PRO A 630 -6.30 17.57 2.93
C PRO A 630 -7.17 18.46 2.04
N PHE A 631 -7.71 17.95 0.93
CA PHE A 631 -8.57 18.74 0.04
C PHE A 631 -10.01 18.26 0.03
N GLU A 632 -10.37 17.28 0.88
CA GLU A 632 -11.73 16.76 0.94
C GLU A 632 -12.46 17.36 2.13
N GLU A 633 -13.62 17.95 1.85
CA GLU A 633 -14.35 18.71 2.87
C GLU A 633 -14.66 17.86 4.08
N GLU A 634 -15.35 16.73 3.87
CA GLU A 634 -15.79 15.91 4.98
C GLU A 634 -14.63 15.55 5.90
N ASN A 635 -13.41 15.55 5.35
CA ASN A 635 -12.26 15.23 6.20
C ASN A 635 -11.87 16.41 7.09
N LEU A 636 -11.91 17.65 6.56
CA LEU A 636 -11.58 18.81 7.37
C LEU A 636 -12.58 18.97 8.50
N TYR A 637 -13.86 18.66 8.26
CA TYR A 637 -14.81 18.54 9.35
C TYR A 637 -14.40 17.47 10.36
N GLN A 638 -14.15 16.25 9.87
CA GLN A 638 -13.87 15.12 10.76
C GLN A 638 -12.69 15.40 11.67
N ALA A 639 -11.75 16.24 11.22
CA ALA A 639 -10.57 16.54 12.03
C ALA A 639 -10.87 17.50 13.18
N VAL A 640 -11.99 18.23 13.12
CA VAL A 640 -12.28 19.19 14.18
C VAL A 640 -13.48 18.72 15.03
N ALA A 641 -13.13 18.02 16.12
CA ALA A 641 -14.01 17.67 17.22
C ALA A 641 -13.35 18.09 18.54
N LYS A 642 -12.63 19.22 18.50
CA LYS A 642 -12.39 20.03 19.70
C LYS A 642 -13.57 20.91 20.02
N PHE A 643 -14.72 20.63 19.40
CA PHE A 643 -15.99 21.31 19.66
C PHE A 643 -17.04 20.22 19.82
N PHE A 644 -17.20 19.69 21.02
CA PHE A 644 -18.34 18.84 21.33
C PHE A 644 -18.48 18.74 22.85
CA CA B . 6.82 -0.55 5.85
#